data_3CQR
#
_entry.id   3CQR
#
_cell.length_a   122.297
_cell.length_b   122.297
_cell.length_c   158.337
_cell.angle_alpha   90.000
_cell.angle_beta   90.000
_cell.angle_gamma   90.000
#
_symmetry.space_group_name_H-M   'I 41 2 2'
#
loop_
_entity.id
_entity.type
_entity.pdbx_description
1 polymer 'Violaxanthin de-epoxidase, chloroplast'
2 non-polymer 'GADOLINIUM ATOM'
3 water water
#
_entity_poly.entity_id   1
_entity_poly.type   'polypeptide(L)'
_entity_poly.pdbx_seq_one_letter_code
;MDLGEFPAPDPSVLVQNFNISDFNGKWYITSGLNPTFDAFDCQLHEFHTEGDNKLVGNISWRIKTLDSGFFTRSAVQKFV
QDPNQPGVLYNHDNEYLHYQDDWYILSSKIENKPEDYIFVYYRGRNDAWDGYGGAVVYTRSSVLPNSIIPELEKAAKSIG
RDFSTFIRTDNTCGPEPRSHHHHHH
;
_entity_poly.pdbx_strand_id   A,B
#
# COMPACT_ATOMS: atom_id res chain seq x y z
N GLU A 5 19.89 -16.86 9.28
CA GLU A 5 20.89 -16.39 8.25
C GLU A 5 20.38 -16.58 6.78
N PHE A 6 20.69 -15.55 6.01
CA PHE A 6 20.39 -15.43 4.60
C PHE A 6 21.75 -15.25 3.90
N PRO A 7 22.45 -16.35 3.60
CA PRO A 7 23.76 -16.20 2.92
C PRO A 7 23.66 -15.73 1.46
N ALA A 8 24.73 -15.14 0.94
CA ALA A 8 24.84 -14.83 -0.48
C ALA A 8 24.62 -16.13 -1.28
N PRO A 9 23.77 -16.07 -2.29
CA PRO A 9 23.50 -17.26 -3.07
C PRO A 9 24.63 -17.57 -4.07
N ASP A 10 24.70 -18.83 -4.49
CA ASP A 10 25.60 -19.28 -5.52
C ASP A 10 25.34 -18.48 -6.79
N PRO A 11 26.36 -17.83 -7.36
CA PRO A 11 26.11 -17.01 -8.56
C PRO A 11 25.46 -17.78 -9.71
N SER A 12 25.65 -19.10 -9.74
CA SER A 12 25.17 -19.93 -10.85
C SER A 12 23.66 -20.15 -10.81
N VAL A 13 23.08 -19.91 -9.65
CA VAL A 13 21.67 -20.15 -9.41
C VAL A 13 20.82 -18.92 -9.80
N LEU A 14 21.48 -17.80 -9.98
CA LEU A 14 20.77 -16.59 -10.37
C LEU A 14 20.48 -16.59 -11.86
N VAL A 15 19.49 -15.82 -12.24
CA VAL A 15 19.21 -15.46 -13.60
C VAL A 15 20.53 -14.95 -14.29
N GLN A 16 20.79 -15.44 -15.51
CA GLN A 16 22.08 -15.17 -16.15
C GLN A 16 21.98 -14.02 -17.11
N ASN A 17 20.75 -13.62 -17.45
CA ASN A 17 20.45 -12.42 -18.21
C ASN A 17 19.27 -11.72 -17.54
N PHE A 18 19.35 -10.41 -17.45
CA PHE A 18 18.29 -9.60 -16.87
C PHE A 18 18.45 -8.18 -17.32
N ASN A 19 17.37 -7.62 -17.85
CA ASN A 19 17.26 -6.25 -18.31
C ASN A 19 16.48 -5.44 -17.27
N ILE A 20 17.14 -4.50 -16.60
CA ILE A 20 16.51 -3.78 -15.49
C ILE A 20 15.32 -2.96 -15.90
N SER A 21 15.22 -2.62 -17.19
CA SER A 21 14.04 -1.86 -17.62
C SER A 21 12.78 -2.76 -17.64
N ASP A 22 12.97 -4.07 -17.56
CA ASP A 22 11.84 -4.98 -17.37
C ASP A 22 11.17 -4.77 -16.00
N PHE A 23 11.89 -4.18 -15.05
CA PHE A 23 11.28 -3.79 -13.76
C PHE A 23 10.35 -2.56 -13.82
N ASN A 24 10.37 -1.78 -14.90
CA ASN A 24 9.49 -0.60 -14.99
C ASN A 24 8.00 -0.84 -14.73
N GLY A 25 7.34 0.13 -14.07
CA GLY A 25 5.90 0.10 -13.88
C GLY A 25 5.44 -0.63 -12.63
N LYS A 26 4.20 -1.11 -12.67
CA LYS A 26 3.49 -1.60 -11.51
C LYS A 26 3.69 -3.09 -11.27
N TRP A 27 4.09 -3.42 -10.03
CA TRP A 27 4.28 -4.80 -9.61
C TRP A 27 3.66 -4.98 -8.21
N TYR A 28 3.15 -6.18 -7.96
CA TYR A 28 2.61 -6.53 -6.66
C TYR A 28 3.48 -7.59 -6.05
N ILE A 29 3.77 -7.46 -4.77
CA ILE A 29 4.34 -8.59 -4.03
C ILE A 29 3.20 -9.50 -3.55
N THR A 30 3.19 -10.71 -4.07
CA THR A 30 2.09 -11.64 -3.84
C THR A 30 2.51 -12.86 -3.09
N SER A 31 3.81 -12.97 -2.82
CA SER A 31 4.30 -14.04 -1.93
C SER A 31 5.64 -13.65 -1.32
N GLY A 32 5.89 -14.11 -0.09
CA GLY A 32 7.18 -13.80 0.60
C GLY A 32 7.58 -14.90 1.59
N LEU A 33 8.89 -15.03 1.77
CA LEU A 33 9.47 -16.01 2.65
C LEU A 33 9.35 -15.55 4.10
N ASN A 34 9.64 -14.29 4.39
CA ASN A 34 9.33 -13.84 5.74
C ASN A 34 8.77 -12.45 5.97
N PRO A 35 7.43 -12.44 6.02
CA PRO A 35 6.56 -11.29 6.16
C PRO A 35 6.76 -10.61 7.50
N THR A 36 6.30 -9.36 7.51
CA THR A 36 6.25 -8.46 8.67
C THR A 36 4.78 -8.32 8.99
N PHE A 37 4.47 -7.54 10.03
CA PHE A 37 3.07 -7.48 10.33
C PHE A 37 2.31 -6.57 9.38
N ASP A 38 3.00 -6.02 8.40
CA ASP A 38 2.29 -5.28 7.37
C ASP A 38 2.03 -6.07 6.06
N ALA A 39 2.14 -7.38 6.14
CA ALA A 39 2.01 -8.26 4.94
C ALA A 39 0.70 -8.08 4.17
N PHE A 40 -0.38 -7.73 4.85
CA PHE A 40 -1.71 -7.56 4.18
C PHE A 40 -2.10 -6.14 3.79
N ASP A 41 -1.21 -5.18 4.01
CA ASP A 41 -1.41 -3.82 3.49
C ASP A 41 -1.11 -3.92 2.01
N CYS A 42 -1.50 -2.89 1.27
CA CYS A 42 -1.30 -2.85 -0.17
C CYS A 42 0.20 -3.09 -0.53
N GLN A 43 0.44 -4.13 -1.33
CA GLN A 43 1.82 -4.47 -1.75
C GLN A 43 2.17 -4.04 -3.16
N LEU A 44 1.58 -2.95 -3.60
CA LEU A 44 1.90 -2.36 -4.92
C LEU A 44 3.17 -1.53 -4.84
N HIS A 45 4.11 -1.78 -5.76
CA HIS A 45 5.26 -0.88 -5.95
C HIS A 45 5.36 -0.49 -7.40
N GLU A 46 5.55 0.80 -7.63
CA GLU A 46 5.77 1.31 -8.97
C GLU A 46 7.25 1.70 -9.12
N PHE A 47 7.96 1.03 -10.04
CA PHE A 47 9.39 1.24 -10.24
C PHE A 47 9.67 2.03 -11.51
N HIS A 48 10.75 2.79 -11.48
CA HIS A 48 11.25 3.36 -12.73
C HIS A 48 12.78 3.27 -12.78
N THR A 49 13.27 3.34 -14.00
CA THR A 49 14.64 3.12 -14.30
C THR A 49 15.24 4.52 -14.48
N GLU A 50 16.49 4.73 -14.02
CA GLU A 50 17.23 6.01 -14.15
C GLU A 50 18.56 5.66 -14.87
N GLY A 51 18.84 6.33 -16.01
CA GLY A 51 19.99 5.97 -16.88
C GLY A 51 19.73 4.67 -17.61
N ASP A 52 20.75 3.80 -17.73
CA ASP A 52 20.48 2.39 -18.14
C ASP A 52 21.00 1.38 -17.09
N ASN A 53 21.26 1.91 -15.90
CA ASN A 53 21.98 1.24 -14.83
C ASN A 53 21.21 1.01 -13.51
N LYS A 54 20.24 1.90 -13.25
CA LYS A 54 19.65 2.09 -11.93
C LYS A 54 18.13 1.89 -11.86
N LEU A 55 17.70 1.21 -10.81
CA LEU A 55 16.32 0.97 -10.55
C LEU A 55 15.94 1.80 -9.31
N VAL A 56 14.84 2.55 -9.43
CA VAL A 56 14.39 3.49 -8.39
C VAL A 56 12.94 3.29 -7.99
N GLY A 57 12.68 3.34 -6.69
CA GLY A 57 11.30 3.51 -6.22
C GLY A 57 11.20 4.23 -4.86
N ASN A 58 9.97 4.44 -4.41
CA ASN A 58 9.68 5.25 -3.22
C ASN A 58 9.57 4.36 -2.00
N ILE A 59 10.18 4.80 -0.89
CA ILE A 59 10.07 4.08 0.37
C ILE A 59 9.59 5.06 1.45
N SER A 60 9.43 4.55 2.66
CA SER A 60 8.96 5.46 3.73
C SER A 60 9.78 5.26 4.99
N TRP A 61 9.86 6.34 5.78
CA TRP A 61 10.70 6.45 6.97
C TRP A 61 9.77 6.90 8.08
N ARG A 62 9.90 6.28 9.25
N ARG A 62 9.95 6.37 9.27
CA ARG A 62 9.16 6.65 10.48
CA ARG A 62 9.28 6.98 10.38
C ARG A 62 10.14 6.79 11.65
C ARG A 62 9.94 6.67 11.74
N ILE A 63 9.84 7.67 12.59
CA ILE A 63 10.40 7.54 13.97
C ILE A 63 9.27 7.65 14.97
N LYS A 64 9.38 6.94 16.09
CA LYS A 64 8.39 7.00 17.18
C LYS A 64 9.04 7.73 18.34
N THR A 65 8.44 8.81 18.78
CA THR A 65 9.10 9.72 19.71
C THR A 65 8.68 9.47 21.17
N LEU A 66 9.25 10.23 22.10
CA LEU A 66 9.08 9.98 23.55
C LEU A 66 7.68 10.26 24.07
N ASP A 67 6.94 11.05 23.31
CA ASP A 67 5.59 11.44 23.66
C ASP A 67 4.54 10.49 23.05
N SER A 68 4.96 9.36 22.51
CA SER A 68 4.07 8.45 21.80
C SER A 68 3.68 8.99 20.40
N GLY A 69 4.26 10.10 19.95
CA GLY A 69 3.98 10.63 18.63
C GLY A 69 4.93 10.06 17.59
N PHE A 70 5.00 10.67 16.42
CA PHE A 70 5.86 10.15 15.35
C PHE A 70 6.16 11.24 14.37
N PHE A 71 7.19 11.03 13.55
CA PHE A 71 7.43 11.88 12.38
C PHE A 71 7.61 10.91 11.23
N THR A 72 7.27 11.35 10.04
CA THR A 72 7.41 10.48 8.89
C THR A 72 7.77 11.29 7.63
N ARG A 73 8.32 10.61 6.62
CA ARG A 73 8.82 11.24 5.42
C ARG A 73 8.79 10.15 4.32
N SER A 74 8.61 10.59 3.08
CA SER A 74 8.92 9.76 1.91
C SER A 74 10.44 9.76 1.68
N ALA A 75 10.99 8.67 1.17
CA ALA A 75 12.36 8.67 0.64
C ALA A 75 12.46 7.87 -0.68
N VAL A 76 13.64 7.79 -1.28
CA VAL A 76 13.78 6.91 -2.48
C VAL A 76 14.83 5.89 -2.19
N GLN A 77 14.68 4.71 -2.78
CA GLN A 77 15.67 3.69 -2.68
C GLN A 77 16.12 3.38 -4.14
N LYS A 78 17.44 3.33 -4.36
CA LYS A 78 18.03 3.16 -5.72
C LYS A 78 18.94 1.97 -5.75
N PHE A 79 18.73 1.09 -6.75
CA PHE A 79 19.55 -0.11 -6.92
C PHE A 79 20.36 0.08 -8.19
N VAL A 80 21.60 -0.39 -8.15
CA VAL A 80 22.46 -0.44 -9.33
C VAL A 80 22.73 -1.92 -9.70
N GLN A 81 22.64 -2.26 -10.99
CA GLN A 81 22.90 -3.65 -11.43
C GLN A 81 24.40 -3.92 -11.52
N ASP A 82 24.85 -5.08 -11.05
CA ASP A 82 26.23 -5.50 -11.22
C ASP A 82 26.55 -5.67 -12.72
N PRO A 83 27.66 -5.06 -13.21
CA PRO A 83 27.99 -5.26 -14.66
C PRO A 83 28.41 -6.68 -15.09
N ASN A 84 28.87 -7.53 -14.17
CA ASN A 84 29.26 -8.92 -14.49
C ASN A 84 28.18 -9.96 -14.24
N GLN A 85 27.20 -9.61 -13.41
CA GLN A 85 26.17 -10.55 -12.95
C GLN A 85 24.83 -9.82 -13.06
N PRO A 86 24.13 -9.97 -14.20
CA PRO A 86 22.88 -9.23 -14.40
C PRO A 86 21.81 -9.43 -13.29
N GLY A 87 21.88 -10.53 -12.55
CA GLY A 87 20.88 -10.87 -11.53
C GLY A 87 21.22 -10.34 -10.12
N VAL A 88 22.28 -9.53 -10.01
CA VAL A 88 22.71 -8.95 -8.74
C VAL A 88 22.52 -7.43 -8.79
N LEU A 89 21.76 -6.89 -7.86
CA LEU A 89 21.55 -5.43 -7.78
C LEU A 89 21.83 -4.94 -6.35
N TYR A 90 22.46 -3.76 -6.25
CA TYR A 90 23.01 -3.26 -4.96
C TYR A 90 22.36 -1.95 -4.63
N ASN A 91 21.90 -1.84 -3.41
CA ASN A 91 21.45 -0.57 -2.90
C ASN A 91 22.29 -0.26 -1.63
N HIS A 92 23.40 0.44 -1.81
CA HIS A 92 24.33 0.72 -0.70
C HIS A 92 24.21 2.22 -0.39
N ASP A 93 24.48 3.02 -1.40
CA ASP A 93 23.63 4.14 -1.88
C ASP A 93 22.90 5.11 -0.90
N ASN A 94 22.81 4.84 0.42
CA ASN A 94 21.67 5.39 1.21
C ASN A 94 21.78 6.57 2.15
N GLU A 95 22.87 7.34 2.05
CA GLU A 95 22.96 8.68 2.67
C GLU A 95 22.82 8.60 4.18
N TYR A 96 21.99 9.48 4.74
CA TYR A 96 21.81 9.52 6.21
C TYR A 96 21.06 8.30 6.74
N LEU A 97 20.42 7.54 5.84
CA LEU A 97 19.67 6.35 6.28
C LEU A 97 20.57 5.19 6.71
N HIS A 98 21.77 5.11 6.15
CA HIS A 98 22.81 4.18 6.63
C HIS A 98 22.40 2.69 6.70
N TYR A 99 22.12 2.12 5.54
CA TYR A 99 21.77 0.71 5.47
C TYR A 99 22.20 0.21 4.10
N GLN A 100 22.25 -1.11 3.93
CA GLN A 100 22.52 -1.72 2.64
C GLN A 100 21.47 -2.81 2.41
N ASP A 101 21.03 -2.94 1.17
CA ASP A 101 20.04 -3.95 0.77
C ASP A 101 20.60 -4.48 -0.59
N ASP A 102 20.80 -5.79 -0.66
CA ASP A 102 21.28 -6.46 -1.88
C ASP A 102 20.17 -7.35 -2.42
N TRP A 103 19.94 -7.28 -3.73
CA TRP A 103 18.92 -8.12 -4.45
C TRP A 103 19.59 -9.18 -5.37
N TYR A 104 19.11 -10.41 -5.32
CA TYR A 104 19.59 -11.53 -6.15
C TYR A 104 18.36 -12.06 -6.87
N ILE A 105 18.35 -11.91 -8.18
CA ILE A 105 17.16 -12.38 -8.95
C ILE A 105 17.32 -13.87 -9.20
N LEU A 106 16.50 -14.65 -8.51
CA LEU A 106 16.53 -16.12 -8.66
C LEU A 106 15.90 -16.67 -9.97
N SER A 107 14.85 -16.00 -10.43
CA SER A 107 14.00 -16.48 -11.50
C SER A 107 13.17 -15.32 -11.98
N SER A 108 12.93 -15.29 -13.29
CA SER A 108 12.08 -14.28 -13.87
C SER A 108 11.57 -14.77 -15.25
N LYS A 109 10.35 -14.39 -15.61
CA LYS A 109 9.85 -14.56 -16.98
C LYS A 109 9.12 -13.32 -17.38
N ILE A 110 9.66 -12.64 -18.38
CA ILE A 110 9.06 -11.42 -18.88
C ILE A 110 8.70 -11.62 -20.36
N GLU A 111 7.41 -11.71 -20.64
CA GLU A 111 6.91 -11.89 -22.01
C GLU A 111 5.87 -10.86 -22.35
N ASN A 112 5.78 -9.81 -21.54
CA ASN A 112 4.69 -8.82 -21.64
C ASN A 112 3.29 -9.45 -21.54
N LYS A 113 3.18 -10.45 -20.68
CA LYS A 113 1.92 -11.19 -20.42
C LYS A 113 1.47 -10.98 -18.97
N PRO A 114 0.16 -11.19 -18.70
CA PRO A 114 -0.33 -11.03 -17.31
C PRO A 114 0.41 -11.87 -16.24
N GLU A 115 1.03 -12.98 -16.61
CA GLU A 115 1.73 -13.85 -15.67
C GLU A 115 3.22 -13.51 -15.44
N ASP A 116 3.68 -12.37 -15.96
CA ASP A 116 5.10 -12.00 -15.78
C ASP A 116 5.42 -11.92 -14.27
N TYR A 117 6.65 -12.28 -13.92
CA TYR A 117 7.07 -12.33 -12.52
C TYR A 117 8.58 -12.12 -12.44
N ILE A 118 9.02 -11.67 -11.25
CA ILE A 118 10.46 -11.53 -10.92
C ILE A 118 10.56 -11.96 -9.46
N PHE A 119 11.44 -12.91 -9.20
CA PHE A 119 11.55 -13.55 -7.90
C PHE A 119 12.89 -13.09 -7.30
N VAL A 120 12.80 -12.32 -6.20
CA VAL A 120 13.97 -11.63 -5.68
C VAL A 120 14.31 -12.20 -4.29
N TYR A 121 15.57 -12.61 -4.09
CA TYR A 121 16.07 -12.97 -2.79
C TYR A 121 16.82 -11.72 -2.32
N TYR A 122 16.65 -11.33 -1.05
CA TYR A 122 17.31 -10.10 -0.57
C TYR A 122 17.99 -10.31 0.77
N ARG A 123 19.04 -9.53 1.04
CA ARG A 123 19.83 -9.60 2.29
C ARG A 123 20.24 -8.15 2.59
N GLY A 124 20.27 -7.80 3.87
CA GLY A 124 20.53 -6.42 4.23
C GLY A 124 21.27 -6.31 5.56
N ARG A 125 21.70 -5.08 5.86
CA ARG A 125 22.48 -4.79 7.09
C ARG A 125 22.34 -3.34 7.36
N ASN A 126 22.36 -3.01 8.65
CA ASN A 126 22.56 -1.66 9.10
C ASN A 126 23.35 -1.73 10.43
N ASP A 127 23.50 -0.60 11.09
CA ASP A 127 24.24 -0.54 12.38
C ASP A 127 23.64 -1.46 13.45
N ALA A 128 22.32 -1.66 13.42
CA ALA A 128 21.66 -2.46 14.43
C ALA A 128 21.76 -3.99 14.30
N TRP A 129 21.99 -4.50 13.08
CA TRP A 129 21.85 -5.91 12.79
C TRP A 129 22.31 -6.22 11.35
N ASP A 130 22.88 -7.40 11.16
CA ASP A 130 23.29 -7.84 9.85
C ASP A 130 22.47 -9.05 9.36
N GLY A 131 21.29 -9.27 9.97
CA GLY A 131 20.54 -10.52 9.78
C GLY A 131 19.33 -10.33 8.87
N TYR A 132 19.19 -9.15 8.26
CA TYR A 132 18.00 -8.88 7.47
C TYR A 132 18.00 -9.66 6.16
N GLY A 133 16.81 -10.05 5.72
CA GLY A 133 16.66 -10.68 4.41
C GLY A 133 15.37 -11.44 4.27
N GLY A 134 15.22 -12.07 3.11
CA GLY A 134 13.95 -12.74 2.81
C GLY A 134 13.86 -12.97 1.30
N ALA A 135 12.67 -13.24 0.82
CA ALA A 135 12.52 -13.46 -0.64
C ALA A 135 11.08 -13.16 -1.04
N VAL A 136 10.90 -12.44 -2.14
CA VAL A 136 9.55 -12.01 -2.49
C VAL A 136 9.37 -12.29 -4.00
N VAL A 137 8.12 -12.55 -4.34
CA VAL A 137 7.74 -12.68 -5.77
C VAL A 137 7.00 -11.43 -6.21
N TYR A 138 7.58 -10.67 -7.13
CA TYR A 138 6.86 -9.57 -7.78
C TYR A 138 6.07 -10.18 -8.98
N THR A 139 4.80 -9.85 -9.08
CA THR A 139 3.98 -10.28 -10.22
C THR A 139 3.28 -9.05 -10.81
N ARG A 140 3.07 -9.07 -12.13
CA ARG A 140 2.26 -8.01 -12.77
C ARG A 140 0.80 -8.06 -12.31
N SER A 141 0.35 -9.25 -11.94
CA SER A 141 -1.01 -9.49 -11.46
C SER A 141 -1.08 -9.29 -9.95
N SER A 142 -2.23 -8.81 -9.46
CA SER A 142 -2.52 -8.72 -8.03
C SER A 142 -2.75 -10.08 -7.35
N VAL A 143 -2.84 -11.13 -8.18
CA VAL A 143 -2.99 -12.52 -7.69
C VAL A 143 -1.81 -13.34 -8.23
N LEU A 144 -1.09 -14.09 -7.38
CA LEU A 144 0.01 -14.92 -7.90
C LEU A 144 -0.52 -16.02 -8.86
N PRO A 145 -0.01 -16.06 -10.12
CA PRO A 145 -0.51 -17.04 -11.10
C PRO A 145 -0.09 -18.45 -10.78
N ASN A 146 -1.08 -19.34 -10.82
CA ASN A 146 -0.87 -20.75 -10.60
C ASN A 146 0.20 -21.33 -11.48
N SER A 147 0.26 -20.86 -12.72
CA SER A 147 1.18 -21.36 -13.73
C SER A 147 2.69 -21.18 -13.43
N ILE A 148 3.08 -20.18 -12.64
CA ILE A 148 4.51 -19.96 -12.33
C ILE A 148 4.98 -20.76 -11.10
N ILE A 149 4.05 -21.35 -10.36
CA ILE A 149 4.45 -22.03 -9.13
C ILE A 149 5.58 -23.09 -9.24
N PRO A 150 5.56 -23.97 -10.29
CA PRO A 150 6.70 -24.91 -10.42
C PRO A 150 8.10 -24.28 -10.59
N GLU A 151 8.20 -23.17 -11.34
CA GLU A 151 9.46 -22.41 -11.44
C GLU A 151 9.86 -21.76 -10.10
N LEU A 152 8.87 -21.27 -9.35
CA LEU A 152 9.13 -20.73 -7.99
C LEU A 152 9.60 -21.78 -6.99
N GLU A 153 9.02 -22.97 -7.07
CA GLU A 153 9.42 -24.09 -6.23
C GLU A 153 10.85 -24.47 -6.49
N LYS A 154 11.20 -24.50 -7.78
CA LYS A 154 12.54 -24.81 -8.24
C LYS A 154 13.58 -23.75 -7.78
N ALA A 155 13.24 -22.47 -7.99
CA ALA A 155 14.05 -21.33 -7.52
C ALA A 155 14.23 -21.33 -6.00
N ALA A 156 13.16 -21.53 -5.24
CA ALA A 156 13.27 -21.60 -3.78
C ALA A 156 14.25 -22.72 -3.38
N LYS A 157 14.15 -23.86 -4.08
CA LYS A 157 14.98 -25.04 -3.81
C LYS A 157 16.46 -24.75 -4.00
N SER A 158 16.75 -23.90 -4.97
CA SER A 158 18.13 -23.62 -5.37
C SER A 158 18.92 -22.88 -4.30
N ILE A 159 18.20 -22.21 -3.39
CA ILE A 159 18.84 -21.55 -2.25
C ILE A 159 18.49 -22.24 -0.95
N GLY A 160 18.05 -23.50 -1.04
CA GLY A 160 17.77 -24.31 0.14
C GLY A 160 16.47 -23.99 0.87
N ARG A 161 15.53 -23.36 0.19
CA ARG A 161 14.24 -23.00 0.77
C ARG A 161 13.13 -23.84 0.13
N ASP A 162 11.94 -23.72 0.69
CA ASP A 162 10.78 -24.45 0.23
C ASP A 162 9.67 -23.42 -0.03
N PHE A 163 9.24 -23.28 -1.29
CA PHE A 163 8.15 -22.34 -1.64
C PHE A 163 6.87 -22.53 -0.84
N SER A 164 6.57 -23.77 -0.46
CA SER A 164 5.36 -24.07 0.32
C SER A 164 5.33 -23.39 1.71
N THR A 165 6.48 -22.97 2.25
CA THR A 165 6.47 -22.24 3.53
C THR A 165 6.15 -20.74 3.39
N PHE A 166 6.20 -20.22 2.17
CA PHE A 166 6.01 -18.77 1.88
C PHE A 166 4.57 -18.30 2.18
N ILE A 167 4.43 -17.07 2.67
CA ILE A 167 3.08 -16.52 2.87
C ILE A 167 2.50 -16.16 1.48
N ARG A 168 1.19 -16.29 1.32
CA ARG A 168 0.54 -15.95 0.07
C ARG A 168 -0.36 -14.75 0.32
N THR A 169 -0.13 -13.68 -0.43
CA THR A 169 -0.83 -12.40 -0.18
C THR A 169 -1.38 -11.85 -1.50
N ASP A 170 -2.48 -12.45 -1.93
CA ASP A 170 -3.25 -11.98 -3.09
C ASP A 170 -4.23 -10.83 -2.78
N ASN A 171 -4.45 -9.94 -3.75
CA ASN A 171 -5.51 -8.91 -3.65
C ASN A 171 -5.40 -7.99 -2.45
N THR A 172 -4.17 -7.59 -2.20
CA THR A 172 -3.81 -6.90 -1.00
C THR A 172 -4.26 -5.40 -1.07
N CYS A 173 -4.46 -4.87 -2.26
CA CYS A 173 -4.92 -3.49 -2.38
C CYS A 173 -6.46 -3.39 -2.50
N GLY A 174 -7.13 -4.53 -2.64
CA GLY A 174 -8.60 -4.55 -2.66
C GLY A 174 -9.10 -5.80 -3.34
N PRO A 175 -10.41 -6.11 -3.18
CA PRO A 175 -11.06 -7.28 -3.83
C PRO A 175 -11.49 -7.12 -5.30
N PHE B 6 -14.12 15.34 16.73
CA PHE B 6 -14.82 14.82 15.48
C PHE B 6 -16.36 14.71 15.61
N PRO B 7 -17.05 15.84 15.74
CA PRO B 7 -18.52 15.81 15.80
C PRO B 7 -19.08 15.44 14.42
N ALA B 8 -20.28 14.87 14.39
CA ALA B 8 -20.95 14.55 13.11
C ALA B 8 -21.25 15.86 12.35
N PRO B 9 -21.06 15.85 11.02
CA PRO B 9 -21.32 17.09 10.30
C PRO B 9 -22.81 17.42 10.17
N ASP B 10 -23.11 18.72 10.05
CA ASP B 10 -24.46 19.18 9.71
C ASP B 10 -24.86 18.50 8.39
N PRO B 11 -26.08 17.94 8.31
CA PRO B 11 -26.47 17.25 7.07
C PRO B 11 -26.39 18.14 5.81
N SER B 12 -26.54 19.46 6.00
CA SER B 12 -26.59 20.42 4.89
C SER B 12 -25.20 20.62 4.22
N VAL B 13 -24.11 20.24 4.88
CA VAL B 13 -22.76 20.41 4.31
C VAL B 13 -22.32 19.17 3.53
N LEU B 14 -23.11 18.11 3.56
CA LEU B 14 -22.77 16.90 2.82
C LEU B 14 -23.23 17.02 1.38
N VAL B 15 -22.62 16.25 0.50
CA VAL B 15 -23.15 16.12 -0.87
C VAL B 15 -24.61 15.65 -0.74
N GLN B 16 -25.49 16.23 -1.55
CA GLN B 16 -26.91 15.88 -1.43
C GLN B 16 -27.28 14.72 -2.34
N ASN B 17 -26.39 14.42 -3.26
CA ASN B 17 -26.56 13.28 -4.14
C ASN B 17 -25.21 12.58 -4.18
N PHE B 18 -25.23 11.26 -4.19
CA PHE B 18 -24.01 10.50 -4.28
C PHE B 18 -24.38 9.09 -4.62
N ASN B 19 -23.73 8.58 -5.65
CA ASN B 19 -23.96 7.23 -6.14
C ASN B 19 -22.76 6.41 -5.66
N ILE B 20 -22.97 5.44 -4.75
CA ILE B 20 -21.84 4.60 -4.29
C ILE B 20 -21.10 3.90 -5.40
N SER B 21 -21.73 3.68 -6.57
CA SER B 21 -21.02 3.09 -7.72
C SER B 21 -19.84 3.94 -8.13
N ASP B 22 -19.88 5.22 -7.84
CA ASP B 22 -18.73 6.08 -8.20
C ASP B 22 -17.45 5.77 -7.38
N PHE B 23 -17.62 5.06 -6.25
CA PHE B 23 -16.47 4.58 -5.43
C PHE B 23 -15.78 3.36 -6.02
N ASN B 24 -16.36 2.75 -7.06
CA ASN B 24 -15.73 1.55 -7.65
C ASN B 24 -14.33 1.75 -8.19
N GLY B 25 -13.47 0.74 -8.08
CA GLY B 25 -12.16 0.75 -8.70
C GLY B 25 -11.06 1.43 -7.84
N LYS B 26 -10.04 1.92 -8.50
CA LYS B 26 -8.80 2.39 -7.86
C LYS B 26 -8.82 3.86 -7.47
N TRP B 27 -8.52 4.09 -6.18
CA TRP B 27 -8.47 5.45 -5.62
C TRP B 27 -7.21 5.53 -4.76
N TYR B 28 -6.56 6.71 -4.77
CA TYR B 28 -5.38 7.01 -3.91
C TYR B 28 -5.77 7.99 -2.84
N ILE B 29 -5.31 7.77 -1.61
CA ILE B 29 -5.49 8.81 -0.62
C ILE B 29 -4.29 9.75 -0.75
N THR B 30 -4.56 10.99 -1.16
CA THR B 30 -3.48 11.93 -1.43
C THR B 30 -3.43 13.10 -0.46
N SER B 31 -4.36 13.15 0.48
CA SER B 31 -4.32 14.17 1.51
C SER B 31 -5.17 13.69 2.68
N GLY B 32 -4.82 14.14 3.88
CA GLY B 32 -5.51 13.68 5.06
C GLY B 32 -5.34 14.66 6.21
N LEU B 33 -6.35 14.72 7.05
CA LEU B 33 -6.36 15.62 8.21
C LEU B 33 -5.53 15.06 9.39
N ASN B 34 -5.66 13.77 9.66
CA ASN B 34 -5.19 13.08 10.88
C ASN B 34 -4.34 11.85 10.49
N PRO B 35 -3.17 12.05 9.85
CA PRO B 35 -2.33 10.90 9.40
C PRO B 35 -1.76 10.03 10.53
N THR B 36 -1.40 8.80 10.17
CA THR B 36 -0.73 7.86 11.08
C THR B 36 0.69 7.69 10.55
N PHE B 37 1.48 6.86 11.22
CA PHE B 37 2.86 6.79 10.73
C PHE B 37 3.00 5.97 9.47
N ASP B 38 1.92 5.39 8.97
CA ASP B 38 1.94 4.73 7.66
C ASP B 38 1.53 5.70 6.50
N ALA B 39 1.58 7.01 6.78
CA ALA B 39 1.12 8.03 5.79
C ALA B 39 1.81 7.93 4.45
N PHE B 40 3.09 7.51 4.42
CA PHE B 40 3.83 7.44 3.15
C PHE B 40 3.97 6.05 2.55
N ASP B 41 3.33 5.06 3.13
CA ASP B 41 3.23 3.74 2.49
C ASP B 41 2.21 3.87 1.34
N CYS B 42 2.19 2.88 0.47
CA CYS B 42 1.28 2.96 -0.70
C CYS B 42 -0.18 3.22 -0.23
N GLN B 43 -0.80 4.29 -0.73
CA GLN B 43 -2.17 4.69 -0.30
C GLN B 43 -3.25 4.35 -1.35
N LEU B 44 -2.94 3.39 -2.22
CA LEU B 44 -3.92 2.83 -3.18
C LEU B 44 -4.98 1.94 -2.49
N HIS B 45 -6.26 2.23 -2.74
CA HIS B 45 -7.32 1.37 -2.32
C HIS B 45 -8.19 1.03 -3.53
N GLU B 46 -8.52 -0.23 -3.68
CA GLU B 46 -9.46 -0.61 -4.73
C GLU B 46 -10.74 -1.10 -4.08
N PHE B 47 -11.84 -0.44 -4.40
CA PHE B 47 -13.14 -0.74 -3.81
C PHE B 47 -14.04 -1.45 -4.83
N HIS B 48 -15.01 -2.20 -4.32
CA HIS B 48 -16.03 -2.88 -5.17
C HIS B 48 -17.41 -2.60 -4.55
N THR B 49 -18.38 -2.30 -5.39
CA THR B 49 -19.75 -2.14 -4.97
C THR B 49 -20.38 -3.54 -4.74
N GLU B 50 -21.22 -3.68 -3.72
CA GLU B 50 -22.01 -4.90 -3.56
C GLU B 50 -23.47 -4.53 -3.60
N GLY B 51 -24.09 -4.81 -4.75
CA GLY B 51 -25.49 -4.51 -4.95
C GLY B 51 -25.78 -3.04 -5.04
N ASP B 52 -26.85 -2.67 -4.36
CA ASP B 52 -27.47 -1.36 -4.48
C ASP B 52 -26.80 -0.30 -3.58
N ASN B 53 -26.52 -0.69 -2.34
CA ASN B 53 -26.23 0.32 -1.34
C ASN B 53 -24.95 0.05 -0.53
N LYS B 54 -24.04 -0.81 -1.03
CA LYS B 54 -22.88 -1.31 -0.24
C LYS B 54 -21.54 -1.14 -0.98
N LEU B 55 -20.50 -0.79 -0.21
CA LEU B 55 -19.16 -0.60 -0.71
C LEU B 55 -18.25 -1.50 0.11
N VAL B 56 -17.36 -2.22 -0.58
N VAL B 56 -17.40 -2.28 -0.54
CA VAL B 56 -16.47 -3.22 0.05
CA VAL B 56 -16.48 -3.16 0.18
C VAL B 56 -15.01 -2.93 -0.27
C VAL B 56 -15.03 -2.90 -0.22
N GLY B 57 -14.12 -3.12 0.72
CA GLY B 57 -12.69 -3.04 0.46
C GLY B 57 -11.95 -3.95 1.45
N ASN B 58 -10.65 -4.13 1.24
CA ASN B 58 -9.84 -5.08 2.04
C ASN B 58 -9.10 -4.35 3.15
N ILE B 59 -9.08 -4.91 4.34
CA ILE B 59 -8.42 -4.22 5.45
C ILE B 59 -7.45 -5.24 6.08
N SER B 60 -6.66 -4.83 7.05
CA SER B 60 -5.74 -5.83 7.66
C SER B 60 -5.82 -5.70 9.16
N TRP B 61 -5.54 -6.81 9.82
CA TRP B 61 -5.76 -7.05 11.23
C TRP B 61 -4.37 -7.49 11.73
N ARG B 62 -3.90 -6.98 12.88
CA ARG B 62 -2.57 -7.39 13.43
C ARG B 62 -2.69 -7.56 14.94
N ILE B 63 -2.15 -8.65 15.51
CA ILE B 63 -1.99 -8.68 16.98
C ILE B 63 -0.50 -8.80 17.32
N LYS B 64 -0.07 -8.16 18.41
CA LYS B 64 1.34 -8.29 18.82
C LYS B 64 1.34 -9.09 20.09
N THR B 65 2.07 -10.20 20.09
CA THR B 65 1.94 -11.20 21.17
C THR B 65 3.08 -11.07 22.22
N LEU B 66 3.05 -11.90 23.25
CA LEU B 66 3.95 -11.72 24.44
C LEU B 66 5.42 -12.04 24.16
N ASP B 67 5.66 -12.77 23.07
CA ASP B 67 7.00 -13.07 22.57
C ASP B 67 7.57 -12.02 21.56
N SER B 68 6.91 -10.89 21.41
CA SER B 68 7.31 -9.86 20.42
C SER B 68 7.01 -10.32 18.99
N GLY B 69 6.35 -11.47 18.84
CA GLY B 69 5.87 -11.89 17.52
C GLY B 69 4.53 -11.22 17.18
N PHE B 70 3.92 -11.72 16.13
CA PHE B 70 2.68 -11.13 15.63
C PHE B 70 1.90 -12.20 14.83
N PHE B 71 0.60 -11.93 14.63
CA PHE B 71 -0.27 -12.75 13.74
C PHE B 71 -1.00 -11.70 12.94
N THR B 72 -1.20 -11.99 11.65
CA THR B 72 -1.89 -10.99 10.83
C THR B 72 -2.87 -11.72 9.88
N ARG B 73 -3.87 -10.99 9.37
CA ARG B 73 -4.93 -11.58 8.55
C ARG B 73 -5.42 -10.46 7.62
N SER B 74 -5.93 -10.80 6.43
CA SER B 74 -6.77 -9.87 5.64
C SER B 74 -8.21 -9.92 6.17
N ALA B 75 -8.98 -8.84 6.04
CA ALA B 75 -10.43 -8.88 6.29
C ALA B 75 -11.11 -7.88 5.37
N VAL B 76 -12.43 -7.89 5.34
N VAL B 76 -12.43 -7.80 5.44
CA VAL B 76 -13.20 -6.94 4.55
CA VAL B 76 -13.21 -6.96 4.55
C VAL B 76 -13.79 -5.90 5.50
C VAL B 76 -14.03 -5.97 5.37
N GLN B 77 -14.02 -4.70 4.97
CA GLN B 77 -14.76 -3.70 5.67
C GLN B 77 -15.87 -3.31 4.66
N LYS B 78 -17.11 -3.34 5.12
CA LYS B 78 -18.26 -3.04 4.21
C LYS B 78 -19.07 -1.87 4.73
N PHE B 79 -19.35 -0.89 3.86
CA PHE B 79 -20.12 0.26 4.22
C PHE B 79 -21.51 0.18 3.55
N VAL B 80 -22.53 0.61 4.27
CA VAL B 80 -23.88 0.67 3.70
C VAL B 80 -24.32 2.14 3.69
N GLN B 81 -24.81 2.57 2.53
CA GLN B 81 -25.34 3.92 2.40
C GLN B 81 -26.65 4.16 3.18
N ASP B 82 -26.77 5.36 3.73
CA ASP B 82 -27.98 5.78 4.42
C ASP B 82 -29.05 5.98 3.34
N PRO B 83 -30.25 5.42 3.53
CA PRO B 83 -31.27 5.54 2.47
C PRO B 83 -31.89 6.93 2.34
N ASN B 84 -31.72 7.79 3.33
CA ASN B 84 -32.26 9.16 3.30
C ASN B 84 -31.20 10.23 3.07
N GLN B 85 -29.94 9.94 3.41
CA GLN B 85 -28.80 10.87 3.26
C GLN B 85 -27.69 10.17 2.45
N PRO B 86 -27.66 10.38 1.11
CA PRO B 86 -26.74 9.62 0.25
C PRO B 86 -25.26 9.83 0.58
N GLY B 87 -24.94 10.96 1.20
CA GLY B 87 -23.56 11.27 1.61
C GLY B 87 -23.14 10.64 2.94
N VAL B 88 -23.99 9.82 3.55
CA VAL B 88 -23.63 9.16 4.83
C VAL B 88 -23.53 7.66 4.59
N LEU B 89 -22.41 7.04 5.00
CA LEU B 89 -22.25 5.57 4.89
C LEU B 89 -21.82 4.97 6.22
N TYR B 90 -22.33 3.78 6.55
CA TYR B 90 -22.09 3.20 7.87
C TYR B 90 -21.37 1.90 7.74
N ASN B 91 -20.39 1.69 8.63
CA ASN B 91 -19.81 0.36 8.72
C ASN B 91 -19.88 -0.01 10.20
N HIS B 92 -20.96 -0.72 10.57
CA HIS B 92 -21.22 -1.10 11.97
C HIS B 92 -20.96 -2.60 12.07
N ASP B 93 -21.70 -3.33 11.24
CA ASP B 93 -21.23 -4.39 10.31
C ASP B 93 -20.14 -5.43 10.73
N ASN B 94 -19.42 -5.23 11.84
CA ASN B 94 -18.07 -5.85 11.98
C ASN B 94 -17.81 -7.09 12.83
N GLU B 95 -18.88 -7.76 13.26
CA GLU B 95 -18.80 -9.13 13.79
C GLU B 95 -17.74 -9.31 14.87
N TYR B 96 -16.70 -10.09 14.56
CA TYR B 96 -15.63 -10.39 15.51
C TYR B 96 -14.91 -9.12 15.94
N LEU B 97 -14.84 -8.16 15.02
CA LEU B 97 -13.97 -7.00 15.18
C LEU B 97 -14.50 -5.94 16.12
N HIS B 98 -15.81 -5.85 16.30
CA HIS B 98 -16.48 -4.98 17.29
C HIS B 98 -16.08 -3.48 17.24
N TYR B 99 -16.41 -2.81 16.13
CA TYR B 99 -16.13 -1.39 16.05
C TYR B 99 -17.12 -0.81 15.04
N GLN B 100 -17.27 0.51 15.03
CA GLN B 100 -18.11 1.23 14.02
C GLN B 100 -17.27 2.34 13.40
N ASP B 101 -17.43 2.51 12.10
CA ASP B 101 -16.77 3.57 11.36
C ASP B 101 -17.86 4.23 10.51
N ASP B 102 -18.03 5.55 10.60
CA ASP B 102 -19.07 6.22 9.78
C ASP B 102 -18.40 7.16 8.85
N TRP B 103 -18.86 7.18 7.60
CA TRP B 103 -18.29 8.07 6.56
C TRP B 103 -19.28 9.16 6.16
N TYR B 104 -18.77 10.39 5.97
CA TYR B 104 -19.56 11.57 5.56
C TYR B 104 -18.90 12.18 4.38
N ILE B 105 -19.61 12.21 3.25
CA ILE B 105 -19.02 12.72 2.02
C ILE B 105 -19.26 14.21 1.96
N LEU B 106 -18.17 14.96 2.11
CA LEU B 106 -18.22 16.42 2.20
C LEU B 106 -18.35 17.05 0.81
N SER B 107 -17.67 16.46 -0.15
CA SER B 107 -17.46 17.04 -1.45
C SER B 107 -17.02 15.94 -2.38
N SER B 108 -17.43 16.03 -3.65
CA SER B 108 -17.03 15.07 -4.65
C SER B 108 -17.26 15.66 -6.08
N LYS B 109 -16.38 15.33 -7.03
CA LYS B 109 -16.61 15.61 -8.45
C LYS B 109 -16.28 14.38 -9.25
N ILE B 110 -17.26 13.84 -9.95
CA ILE B 110 -17.05 12.65 -10.76
C ILE B 110 -17.46 13.03 -12.17
N GLU B 111 -16.49 13.20 -13.05
CA GLU B 111 -16.76 13.47 -14.47
C GLU B 111 -16.17 12.33 -15.29
N ASN B 112 -15.68 11.28 -14.63
CA ASN B 112 -14.87 10.22 -15.24
C ASN B 112 -13.66 10.82 -15.96
N LYS B 113 -13.02 11.76 -15.25
CA LYS B 113 -11.84 12.50 -15.68
C LYS B 113 -10.65 12.29 -14.71
N PRO B 114 -9.41 12.60 -15.17
CA PRO B 114 -8.26 12.39 -14.28
C PRO B 114 -8.36 13.10 -12.91
N GLU B 115 -9.18 14.14 -12.81
CA GLU B 115 -9.26 14.96 -11.60
C GLU B 115 -10.37 14.57 -10.61
N ASP B 116 -11.06 13.44 -10.87
CA ASP B 116 -12.17 13.06 -10.04
C ASP B 116 -11.70 12.82 -8.58
N TYR B 117 -12.54 13.17 -7.63
CA TYR B 117 -12.21 13.04 -6.19
C TYR B 117 -13.45 12.81 -5.37
N ILE B 118 -13.24 12.28 -4.14
CA ILE B 118 -14.26 12.16 -3.18
C ILE B 118 -13.59 12.50 -1.83
N PHE B 119 -14.20 13.44 -1.11
CA PHE B 119 -13.65 13.93 0.15
C PHE B 119 -14.49 13.39 1.32
N VAL B 120 -13.87 12.55 2.14
CA VAL B 120 -14.60 11.82 3.16
C VAL B 120 -14.15 12.28 4.58
N TYR B 121 -15.11 12.59 5.41
CA TYR B 121 -14.88 12.87 6.81
C TYR B 121 -15.35 11.59 7.53
N TYR B 122 -14.56 11.07 8.46
CA TYR B 122 -14.91 9.84 9.11
C TYR B 122 -14.84 9.98 10.67
N ARG B 123 -15.65 9.17 11.36
CA ARG B 123 -15.78 9.14 12.83
C ARG B 123 -16.03 7.71 13.21
N GLY B 124 -15.53 7.32 14.38
CA GLY B 124 -15.54 5.92 14.74
C GLY B 124 -15.47 5.66 16.24
N ARG B 125 -15.74 4.42 16.61
CA ARG B 125 -15.73 4.07 18.03
C ARG B 125 -15.54 2.58 18.14
N ASN B 126 -14.92 2.15 19.25
CA ASN B 126 -14.93 0.76 19.67
C ASN B 126 -14.92 0.70 21.20
N ASP B 127 -14.71 -0.48 21.75
CA ASP B 127 -14.71 -0.68 23.22
C ASP B 127 -13.66 0.19 23.92
N ALA B 128 -12.54 0.45 23.25
CA ALA B 128 -11.41 1.16 23.90
C ALA B 128 -11.54 2.69 23.85
N TRP B 129 -12.29 3.23 22.88
CA TRP B 129 -12.27 4.68 22.66
C TRP B 129 -13.42 5.17 21.76
N ASP B 130 -13.94 6.37 21.99
CA ASP B 130 -14.97 6.90 21.09
C ASP B 130 -14.49 8.12 20.28
N GLY B 131 -13.17 8.36 20.24
CA GLY B 131 -12.58 9.56 19.66
C GLY B 131 -12.05 9.46 18.22
N TYR B 132 -12.19 8.30 17.60
CA TYR B 132 -11.52 8.10 16.34
C TYR B 132 -12.18 9.00 15.29
N GLY B 133 -11.36 9.49 14.39
CA GLY B 133 -11.87 10.20 13.22
C GLY B 133 -10.81 10.85 12.41
N GLY B 134 -11.24 11.52 11.35
CA GLY B 134 -10.29 12.23 10.50
C GLY B 134 -10.97 12.60 9.20
N ALA B 135 -10.17 12.92 8.20
CA ALA B 135 -10.72 13.24 6.87
C ALA B 135 -9.68 12.94 5.84
N VAL B 136 -10.12 12.34 4.72
CA VAL B 136 -9.21 12.01 3.66
C VAL B 136 -9.76 12.40 2.28
N VAL B 137 -8.87 12.70 1.37
CA VAL B 137 -9.22 12.98 -0.01
C VAL B 137 -8.80 11.79 -0.87
N TYR B 138 -9.80 11.11 -1.47
CA TYR B 138 -9.53 10.07 -2.46
C TYR B 138 -9.49 10.72 -3.83
N THR B 139 -8.46 10.42 -4.60
CA THR B 139 -8.34 10.97 -5.96
C THR B 139 -8.06 9.80 -6.89
N ARG B 140 -8.61 9.90 -8.11
CA ARG B 140 -8.23 8.95 -9.17
C ARG B 140 -6.76 9.06 -9.49
N SER B 141 -6.23 10.27 -9.42
CA SER B 141 -4.82 10.49 -9.64
C SER B 141 -3.95 10.15 -8.39
N SER B 142 -2.73 9.66 -8.62
CA SER B 142 -1.76 9.45 -7.53
C SER B 142 -1.16 10.80 -7.01
N VAL B 143 -1.49 11.89 -7.69
CA VAL B 143 -1.09 13.23 -7.31
C VAL B 143 -2.34 14.07 -7.16
N LEU B 144 -2.51 14.68 -6.00
CA LEU B 144 -3.71 15.49 -5.78
C LEU B 144 -3.73 16.62 -6.84
N PRO B 145 -4.84 16.74 -7.61
CA PRO B 145 -4.88 17.82 -8.65
C PRO B 145 -5.01 19.23 -8.07
N ASN B 146 -4.12 20.11 -8.51
CA ASN B 146 -4.22 21.52 -8.16
C ASN B 146 -5.64 22.12 -8.34
N SER B 147 -6.35 21.74 -9.39
CA SER B 147 -7.66 22.33 -9.73
C SER B 147 -8.79 22.10 -8.73
N ILE B 148 -8.61 21.09 -7.85
CA ILE B 148 -9.64 20.77 -6.88
C ILE B 148 -9.43 21.40 -5.52
N ILE B 149 -8.28 22.04 -5.31
CA ILE B 149 -8.01 22.67 -4.01
C ILE B 149 -9.04 23.73 -3.51
N PRO B 150 -9.49 24.66 -4.40
CA PRO B 150 -10.60 25.55 -3.95
C PRO B 150 -11.84 24.86 -3.35
N GLU B 151 -12.37 23.84 -4.02
CA GLU B 151 -13.49 23.07 -3.46
C GLU B 151 -13.13 22.30 -2.16
N LEU B 152 -11.92 21.79 -2.08
CA LEU B 152 -11.45 21.16 -0.83
C LEU B 152 -11.37 22.16 0.33
N GLU B 153 -10.87 23.36 0.03
CA GLU B 153 -10.79 24.44 1.01
C GLU B 153 -12.18 24.81 1.53
N LYS B 154 -13.16 24.89 0.61
CA LYS B 154 -14.56 25.18 0.97
C LYS B 154 -15.18 24.05 1.83
N ALA B 155 -14.95 22.79 1.43
CA ALA B 155 -15.44 21.63 2.18
C ALA B 155 -14.85 21.57 3.59
N ALA B 156 -13.53 21.75 3.70
CA ALA B 156 -12.87 21.74 5.03
C ALA B 156 -13.43 22.85 5.94
N LYS B 157 -13.59 24.04 5.38
CA LYS B 157 -14.13 25.19 6.09
C LYS B 157 -15.57 24.91 6.58
N SER B 158 -16.35 24.19 5.79
CA SER B 158 -17.72 23.80 6.19
C SER B 158 -17.85 22.94 7.48
N ILE B 159 -16.79 22.24 7.88
CA ILE B 159 -16.82 21.51 9.15
C ILE B 159 -15.84 22.13 10.19
N GLY B 160 -15.49 23.39 9.98
CA GLY B 160 -14.62 24.12 10.90
C GLY B 160 -13.15 23.78 10.83
N ARG B 161 -12.72 23.22 9.69
CA ARG B 161 -11.33 22.84 9.46
C ARG B 161 -10.68 23.74 8.43
N ASP B 162 -9.40 23.54 8.21
CA ASP B 162 -8.71 24.33 7.23
C ASP B 162 -7.84 23.40 6.39
N PHE B 163 -8.04 23.38 5.07
CA PHE B 163 -7.36 22.39 4.19
C PHE B 163 -5.84 22.55 4.19
N SER B 164 -5.38 23.78 4.39
CA SER B 164 -3.94 24.04 4.44
C SER B 164 -3.25 23.30 5.61
N THR B 165 -4.00 22.84 6.61
CA THR B 165 -3.40 22.01 7.67
C THR B 165 -3.21 20.53 7.31
N PHE B 166 -3.80 20.09 6.19
CA PHE B 166 -3.82 18.65 5.85
C PHE B 166 -2.42 18.24 5.37
N ILE B 167 -2.00 17.02 5.69
CA ILE B 167 -0.80 16.48 5.08
C ILE B 167 -1.05 16.17 3.59
N ARG B 168 -0.01 16.30 2.77
CA ARG B 168 -0.11 16.07 1.33
C ARG B 168 0.80 14.91 1.01
N THR B 169 0.22 13.87 0.43
CA THR B 169 0.98 12.61 0.17
C THR B 169 0.79 12.13 -1.27
N ASP B 170 1.60 12.66 -2.17
CA ASP B 170 1.55 12.34 -3.60
C ASP B 170 2.51 11.21 -3.93
N ASN B 171 2.16 10.41 -4.94
CA ASN B 171 3.05 9.36 -5.45
C ASN B 171 3.59 8.38 -4.40
N THR B 172 2.69 7.98 -3.54
CA THR B 172 3.03 7.19 -2.40
C THR B 172 3.37 5.72 -2.76
N CYS B 173 2.94 5.25 -3.95
CA CYS B 173 3.32 3.90 -4.41
C CYS B 173 4.43 4.02 -5.46
N GLY B 174 4.82 5.27 -5.71
CA GLY B 174 4.69 5.83 -7.07
C GLY B 174 5.93 6.24 -7.76
N PRO B 175 5.79 6.84 -8.95
CA PRO B 175 6.88 6.88 -9.87
C PRO B 175 7.48 8.26 -9.82
#